data_8T9N
#
_entry.id   8T9N
#
_cell.length_a   38.175
_cell.length_b   63.889
_cell.length_c   59.935
_cell.angle_alpha   90.000
_cell.angle_beta   92.660
_cell.angle_gamma   90.000
#
_symmetry.space_group_name_H-M   'P 1 21 1'
#
loop_
_entity.id
_entity.type
_entity.pdbx_description
1 polymer 'Anti-sigma-I factor RsgI'
2 water water
#
_entity_poly.entity_id   1
_entity_poly.type   'polypeptide(L)'
_entity_poly.pdbx_seq_one_letter_code
;AYAYMTIDIGGGNPSVEMALNSDYEVIELTPLNDEGQKVVNDIDDWEKTDFKKVIDDIITDCSEHGYVKKSKEILISTVY
ENTEDNTYKKAVKKQLNDVTEKYKTTYRMESLESDMQTREKAKKEGVSTGSYIKS
;
_entity_poly.pdbx_strand_id   A,B
#
# COMPACT_ATOMS: atom_id res chain seq x y z
N ALA A 1 -26.73 3.99 3.93
CA ALA A 1 -25.80 4.83 4.67
C ALA A 1 -25.83 6.25 4.13
N TYR A 2 -25.45 7.21 4.97
CA TYR A 2 -25.40 8.61 4.55
C TYR A 2 -24.10 8.92 3.81
N ALA A 3 -22.98 8.35 4.27
CA ALA A 3 -21.69 8.67 3.68
C ALA A 3 -20.73 7.51 3.95
N TYR A 4 -19.64 7.50 3.19
CA TYR A 4 -18.61 6.46 3.28
C TYR A 4 -17.24 7.11 3.47
N MET A 5 -16.62 6.83 4.61
CA MET A 5 -15.23 7.19 4.89
C MET A 5 -14.32 5.97 4.79
N THR A 6 -13.29 6.08 3.96
CA THR A 6 -12.22 5.09 3.96
C THR A 6 -10.99 5.67 4.67
N ILE A 7 -10.26 4.81 5.35
CA ILE A 7 -8.96 5.17 5.92
C ILE A 7 -7.93 4.16 5.43
N ASP A 8 -6.86 4.66 4.83
CA ASP A 8 -5.75 3.85 4.36
C ASP A 8 -4.50 4.27 5.09
N ILE A 9 -3.86 3.29 5.73
CA ILE A 9 -2.84 3.52 6.74
C ILE A 9 -1.49 3.08 6.18
N GLY A 10 -0.53 4.00 6.16
CA GLY A 10 0.77 3.75 5.57
C GLY A 10 0.77 3.89 4.06
N GLY A 11 1.92 3.62 3.47
CA GLY A 11 2.03 3.62 2.02
C GLY A 11 1.24 2.50 1.36
N GLY A 12 0.73 1.55 2.14
CA GLY A 12 -0.03 0.45 1.60
C GLY A 12 -0.11 -0.73 2.55
N ASN A 13 -0.90 -0.60 3.62
CA ASN A 13 -1.19 -1.68 4.54
C ASN A 13 -2.68 -1.60 4.91
N PRO A 14 -3.13 -1.39 6.17
CA PRO A 14 -4.55 -1.67 6.45
C PRO A 14 -5.48 -0.69 5.74
N SER A 15 -6.61 -1.22 5.27
CA SER A 15 -7.57 -0.45 4.49
C SER A 15 -8.96 -0.79 4.98
N VAL A 16 -9.73 0.22 5.41
CA VAL A 16 -11.08 0.00 5.91
C VAL A 16 -11.99 1.09 5.38
N GLU A 17 -13.28 0.76 5.26
CA GLU A 17 -14.32 1.73 4.93
C GLU A 17 -15.30 1.85 6.08
N MET A 18 -15.56 3.08 6.50
CA MET A 18 -16.59 3.40 7.48
C MET A 18 -17.84 3.86 6.75
N ALA A 19 -18.96 3.22 7.02
CA ALA A 19 -20.25 3.76 6.61
C ALA A 19 -20.86 4.54 7.77
N LEU A 20 -21.33 5.75 7.49
CA LEU A 20 -21.84 6.65 8.53
C LEU A 20 -23.31 6.99 8.29
N ASN A 21 -24.02 7.24 9.39
CA ASN A 21 -25.42 7.59 9.35
C ASN A 21 -25.58 9.12 9.38
N SER A 22 -26.81 9.59 9.54
CA SER A 22 -27.09 11.03 9.57
C SER A 22 -26.56 11.72 10.82
N ASP A 23 -26.21 10.96 11.85
CA ASP A 23 -25.65 11.51 13.08
C ASP A 23 -24.13 11.38 13.14
N TYR A 24 -23.49 11.13 12.00
CA TYR A 24 -22.04 10.99 11.89
C TYR A 24 -21.49 9.82 12.71
N GLU A 25 -22.34 8.83 12.96
CA GLU A 25 -21.98 7.61 13.69
C GLU A 25 -21.66 6.49 12.71
N VAL A 26 -20.69 5.66 13.07
CA VAL A 26 -20.28 4.53 12.23
C VAL A 26 -21.29 3.41 12.39
N ILE A 27 -21.95 3.04 11.30
CA ILE A 27 -22.91 1.95 11.32
C ILE A 27 -22.41 0.71 10.57
N GLU A 28 -21.42 0.85 9.70
CA GLU A 28 -20.77 -0.29 9.07
C GLU A 28 -19.27 -0.05 9.08
N LEU A 29 -18.52 -1.12 9.32
CA LEU A 29 -17.06 -1.09 9.37
C LEU A 29 -16.55 -2.23 8.50
N THR A 30 -16.06 -1.90 7.31
CA THR A 30 -15.72 -2.91 6.31
C THR A 30 -14.21 -2.95 6.09
N PRO A 31 -13.55 -4.07 6.40
CA PRO A 31 -12.15 -4.20 5.99
C PRO A 31 -12.04 -4.47 4.49
N LEU A 32 -10.99 -3.92 3.88
CA LEU A 32 -10.78 -4.07 2.45
C LEU A 32 -9.52 -4.87 2.12
N ASN A 33 -8.72 -5.24 3.13
CA ASN A 33 -7.63 -6.18 2.97
C ASN A 33 -7.43 -6.90 4.30
N ASP A 34 -6.42 -7.78 4.34
CA ASP A 34 -6.25 -8.64 5.51
C ASP A 34 -5.76 -7.86 6.73
N GLU A 35 -4.88 -6.87 6.51
CA GLU A 35 -4.43 -6.05 7.62
C GLU A 35 -5.58 -5.21 8.17
N GLY A 36 -6.41 -4.65 7.30
CA GLY A 36 -7.60 -3.96 7.76
C GLY A 36 -8.55 -4.87 8.51
N GLN A 37 -8.52 -6.17 8.21
CA GLN A 37 -9.38 -7.11 8.92
C GLN A 37 -8.93 -7.30 10.36
N LYS A 38 -7.62 -7.36 10.60
CA LYS A 38 -7.13 -7.49 11.97
C LYS A 38 -7.49 -6.26 12.80
N VAL A 39 -7.36 -5.07 12.21
CA VAL A 39 -7.74 -3.84 12.92
C VAL A 39 -9.20 -3.91 13.33
N VAL A 40 -10.10 -4.09 12.36
CA VAL A 40 -11.54 -4.06 12.63
C VAL A 40 -11.91 -5.08 13.70
N ASN A 41 -11.25 -6.24 13.69
CA ASN A 41 -11.55 -7.27 14.69
C ASN A 41 -11.01 -6.92 16.08
N ASP A 42 -10.18 -5.89 16.20
CA ASP A 42 -9.75 -5.41 17.50
C ASP A 42 -10.55 -4.23 18.00
N ILE A 43 -11.17 -3.47 17.11
CA ILE A 43 -11.93 -2.28 17.51
C ILE A 43 -13.18 -2.71 18.24
N ASP A 44 -13.40 -2.17 19.42
CA ASP A 44 -14.53 -2.54 20.26
C ASP A 44 -15.47 -1.35 20.44
N ASP A 45 -16.77 -1.64 20.32
CA ASP A 45 -17.83 -0.63 20.45
C ASP A 45 -17.62 0.51 19.44
N TRP A 46 -17.74 0.14 18.17
CA TRP A 46 -17.75 1.14 17.10
C TRP A 46 -19.14 1.38 16.54
N GLU A 47 -20.08 0.46 16.76
CA GLU A 47 -21.43 0.63 16.24
C GLU A 47 -22.11 1.81 16.92
N LYS A 48 -22.68 2.69 16.10
CA LYS A 48 -23.37 3.90 16.57
C LYS A 48 -22.44 4.87 17.28
N THR A 49 -21.13 4.72 17.07
CA THR A 49 -20.12 5.57 17.69
C THR A 49 -19.69 6.66 16.73
N ASP A 50 -19.48 7.87 17.27
CA ASP A 50 -19.03 9.00 16.45
C ASP A 50 -17.74 8.65 15.72
N PHE A 51 -17.68 9.03 14.44
CA PHE A 51 -16.62 8.53 13.56
C PHE A 51 -15.25 9.03 13.98
N LYS A 52 -15.17 10.18 14.64
CA LYS A 52 -13.87 10.69 15.08
C LYS A 52 -13.24 9.77 16.12
N LYS A 53 -14.06 9.17 16.98
CA LYS A 53 -13.55 8.24 17.97
C LYS A 53 -13.12 6.93 17.33
N VAL A 54 -13.86 6.49 16.29
CA VAL A 54 -13.50 5.27 15.58
C VAL A 54 -12.18 5.45 14.83
N ILE A 55 -11.96 6.65 14.29
CA ILE A 55 -10.67 6.96 13.67
C ILE A 55 -9.55 6.87 14.71
N ASP A 56 -9.79 7.42 15.90
CA ASP A 56 -8.83 7.31 17.00
C ASP A 56 -8.48 5.86 17.29
N ASP A 57 -9.49 4.98 17.34
CA ASP A 57 -9.23 3.58 17.65
C ASP A 57 -8.51 2.89 16.50
N ILE A 58 -8.83 3.25 15.26
CA ILE A 58 -8.17 2.63 14.10
C ILE A 58 -6.70 2.98 14.08
N ILE A 59 -6.37 4.26 14.31
CA ILE A 59 -4.98 4.71 14.25
C ILE A 59 -4.19 4.13 15.42
N THR A 60 -4.77 4.12 16.62
CA THR A 60 -4.12 3.49 17.75
C THR A 60 -3.83 2.02 17.48
N ASP A 61 -4.83 1.30 16.95
CA ASP A 61 -4.66 -0.12 16.69
C ASP A 61 -3.66 -0.36 15.56
N CYS A 62 -3.57 0.54 14.59
CA CYS A 62 -2.57 0.40 13.53
C CYS A 62 -1.17 0.61 14.06
N SER A 63 -0.99 1.59 14.93
CA SER A 63 0.31 1.84 15.56
C SER A 63 0.73 0.63 16.38
N GLU A 64 -0.19 0.06 17.15
CA GLU A 64 0.16 -1.06 18.02
C GLU A 64 0.48 -2.31 17.22
N HIS A 65 -0.10 -2.46 16.02
CA HIS A 65 0.25 -3.57 15.15
C HIS A 65 1.51 -3.29 14.32
N GLY A 66 2.07 -2.09 14.39
CA GLY A 66 3.26 -1.78 13.62
C GLY A 66 3.01 -1.31 12.21
N TYR A 67 1.81 -0.81 11.92
CA TYR A 67 1.48 -0.31 10.58
C TYR A 67 1.71 1.19 10.41
N VAL A 68 1.76 1.96 11.49
CA VAL A 68 2.13 3.38 11.44
C VAL A 68 3.13 3.72 12.53
N LYS A 69 4.03 4.64 12.20
CA LYS A 69 4.90 5.32 13.14
C LYS A 69 4.71 6.82 12.96
N LYS A 70 5.49 7.60 13.70
CA LYS A 70 5.47 9.05 13.53
C LYS A 70 5.93 9.43 12.12
N SER A 71 5.34 10.49 11.59
CA SER A 71 5.60 11.09 10.28
C SER A 71 5.10 10.23 9.12
N LYS A 72 4.41 9.13 9.39
CA LYS A 72 3.88 8.30 8.31
C LYS A 72 2.52 8.82 7.86
N GLU A 73 2.04 8.26 6.75
CA GLU A 73 0.93 8.82 6.00
C GLU A 73 -0.39 8.17 6.43
N ILE A 74 -1.45 8.97 6.43
CA ILE A 74 -2.81 8.50 6.65
C ILE A 74 -3.70 9.18 5.62
N LEU A 75 -4.38 8.38 4.81
CA LEU A 75 -5.22 8.87 3.72
C LEU A 75 -6.68 8.60 4.06
N ILE A 76 -7.49 9.65 4.03
CA ILE A 76 -8.93 9.55 4.26
C ILE A 76 -9.64 10.07 3.03
N SER A 77 -10.65 9.35 2.57
CA SER A 77 -11.53 9.82 1.51
C SER A 77 -12.97 9.74 1.98
N THR A 78 -13.80 10.67 1.49
CA THR A 78 -15.19 10.76 1.91
C THR A 78 -16.09 10.82 0.68
N VAL A 79 -17.12 9.99 0.66
CA VAL A 79 -18.10 9.96 -0.41
C VAL A 79 -19.48 10.17 0.21
N TYR A 80 -20.26 11.05 -0.39
CA TYR A 80 -21.61 11.34 0.09
C TYR A 80 -22.66 10.69 -0.80
N GLU A 81 -23.65 10.06 -0.17
CA GLU A 81 -24.77 9.53 -0.92
C GLU A 81 -25.65 10.64 -1.46
N ASN A 82 -26.03 11.59 -0.61
CA ASN A 82 -26.89 12.70 -0.99
C ASN A 82 -26.00 13.89 -1.32
N THR A 83 -25.71 14.07 -2.61
CA THR A 83 -24.86 15.17 -3.06
C THR A 83 -25.44 16.53 -2.68
N GLU A 84 -26.73 16.61 -2.37
CA GLU A 84 -27.42 17.87 -2.15
C GLU A 84 -27.58 18.24 -0.68
N ASP A 85 -27.14 17.39 0.27
CA ASP A 85 -27.16 17.77 1.68
C ASP A 85 -25.85 18.46 2.01
N ASN A 86 -25.81 19.76 1.72
CA ASN A 86 -24.61 20.53 1.98
C ASN A 86 -24.38 20.74 3.47
N THR A 87 -25.46 20.76 4.26
CA THR A 87 -25.32 20.90 5.71
C THR A 87 -24.54 19.74 6.30
N TYR A 88 -24.92 18.52 5.93
CA TYR A 88 -24.15 17.34 6.34
C TYR A 88 -22.70 17.43 5.87
N LYS A 89 -22.49 17.75 4.59
CA LYS A 89 -21.14 17.83 4.06
C LYS A 89 -20.28 18.83 4.83
N LYS A 90 -20.82 20.03 5.08
CA LYS A 90 -20.06 21.03 5.84
C LYS A 90 -19.70 20.52 7.22
N ALA A 91 -20.62 19.79 7.87
CA ALA A 91 -20.34 19.29 9.20
C ALA A 91 -19.25 18.21 9.18
N VAL A 92 -19.25 17.36 8.16
CA VAL A 92 -18.20 16.33 8.05
C VAL A 92 -16.85 16.98 7.80
N LYS A 93 -16.77 17.90 6.84
CA LYS A 93 -15.51 18.61 6.60
C LYS A 93 -15.03 19.36 7.83
N LYS A 94 -15.95 19.94 8.61
CA LYS A 94 -15.54 20.57 9.86
C LYS A 94 -14.93 19.54 10.79
N GLN A 95 -15.58 18.38 10.92
CA GLN A 95 -15.09 17.36 11.83
C GLN A 95 -13.80 16.73 11.32
N LEU A 96 -13.64 16.64 10.00
CA LEU A 96 -12.41 16.11 9.43
C LEU A 96 -11.24 17.06 9.67
N ASN A 97 -11.49 18.37 9.62
CA ASN A 97 -10.46 19.34 9.96
C ASN A 97 -10.05 19.20 11.43
N ASP A 98 -11.01 18.92 12.32
CA ASP A 98 -10.66 18.64 13.72
C ASP A 98 -9.80 17.39 13.83
N VAL A 99 -10.03 16.40 12.97
CA VAL A 99 -9.25 15.16 13.02
C VAL A 99 -7.83 15.43 12.53
N THR A 100 -7.71 16.07 11.36
CA THR A 100 -6.39 16.31 10.79
C THR A 100 -5.57 17.27 11.64
N GLU A 101 -6.22 18.28 12.24
CA GLU A 101 -5.51 19.18 13.13
C GLU A 101 -5.00 18.43 14.36
N LYS A 102 -5.78 17.47 14.87
CA LYS A 102 -5.35 16.73 16.05
C LYS A 102 -4.12 15.87 15.75
N TYR A 103 -3.92 15.47 14.50
CA TYR A 103 -2.85 14.55 14.13
C TYR A 103 -1.78 15.19 13.25
N LYS A 104 -1.83 16.50 12.99
CA LYS A 104 -0.90 17.06 12.01
C LYS A 104 0.55 16.94 12.46
N THR A 105 0.81 16.88 13.77
CA THR A 105 2.17 16.79 14.26
C THR A 105 2.69 15.36 14.36
N THR A 106 1.80 14.36 14.41
CA THR A 106 2.24 12.98 14.46
C THR A 106 2.29 12.32 13.09
N TYR A 107 1.26 12.52 12.27
CA TYR A 107 1.16 11.88 10.97
C TYR A 107 0.95 12.92 9.87
N ARG A 108 1.33 12.55 8.65
CA ARG A 108 1.03 13.34 7.46
C ARG A 108 -0.35 12.93 6.98
N MET A 109 -1.33 13.82 7.16
CA MET A 109 -2.72 13.50 6.95
C MET A 109 -3.17 14.03 5.60
N GLU A 110 -3.95 13.23 4.87
CA GLU A 110 -4.52 13.64 3.59
C GLU A 110 -5.99 13.29 3.57
N SER A 111 -6.84 14.29 3.35
CA SER A 111 -8.29 14.12 3.35
C SER A 111 -8.84 14.53 1.99
N LEU A 112 -9.38 13.55 1.25
CA LEU A 112 -9.91 13.77 -0.08
C LEU A 112 -11.41 13.48 -0.11
N GLU A 113 -12.10 14.10 -1.07
CA GLU A 113 -13.52 13.87 -1.27
C GLU A 113 -13.75 13.31 -2.67
N SER A 114 -14.54 12.25 -2.76
CA SER A 114 -14.81 11.60 -4.04
C SER A 114 -16.33 11.47 -4.17
N ASP A 115 -16.77 10.53 -5.00
CA ASP A 115 -18.19 10.34 -5.26
C ASP A 115 -18.50 8.85 -5.34
N MET A 116 -19.80 8.54 -5.29
CA MET A 116 -20.27 7.17 -5.48
C MET A 116 -19.66 6.55 -6.73
N GLN A 117 -19.74 7.26 -7.85
CA GLN A 117 -19.28 6.73 -9.14
C GLN A 117 -17.85 6.20 -9.04
N THR A 118 -16.95 7.00 -8.46
CA THR A 118 -15.58 6.54 -8.25
C THR A 118 -15.53 5.38 -7.27
N ARG A 119 -16.39 5.40 -6.24
CA ARG A 119 -16.39 4.34 -5.24
C ARG A 119 -16.76 2.99 -5.83
N GLU A 120 -17.70 2.97 -6.79
CA GLU A 120 -18.05 1.73 -7.47
C GLU A 120 -16.92 1.22 -8.35
N LYS A 121 -16.19 2.12 -9.03
CA LYS A 121 -15.03 1.67 -9.79
C LYS A 121 -13.96 1.09 -8.87
N ALA A 122 -13.77 1.69 -7.70
CA ALA A 122 -12.81 1.15 -6.74
C ALA A 122 -13.28 -0.21 -6.21
N LYS A 123 -14.61 -0.36 -6.03
CA LYS A 123 -15.15 -1.61 -5.54
C LYS A 123 -14.98 -2.73 -6.56
N LYS A 124 -15.13 -2.40 -7.84
CA LYS A 124 -14.88 -3.37 -8.89
C LYS A 124 -13.41 -3.77 -8.95
N GLU A 125 -12.51 -2.91 -8.48
CA GLU A 125 -11.10 -3.25 -8.37
C GLU A 125 -10.75 -3.86 -7.02
N GLY A 126 -11.72 -4.01 -6.12
CA GLY A 126 -11.48 -4.62 -4.83
C GLY A 126 -10.59 -3.83 -3.90
N VAL A 127 -10.54 -2.51 -4.04
CA VAL A 127 -9.71 -1.65 -3.21
C VAL A 127 -10.54 -0.45 -2.74
N SER A 128 -10.00 0.24 -1.73
CA SER A 128 -10.69 1.38 -1.13
C SER A 128 -10.79 2.54 -2.12
N THR A 129 -11.87 3.30 -1.98
CA THR A 129 -12.01 4.53 -2.77
C THR A 129 -10.72 5.34 -2.72
N GLY A 130 -10.24 5.66 -1.51
CA GLY A 130 -9.02 6.45 -1.37
C GLY A 130 -7.85 5.88 -2.15
N SER A 131 -7.60 4.58 -2.00
CA SER A 131 -6.46 3.98 -2.69
C SER A 131 -6.64 3.97 -4.20
N TYR A 132 -7.85 4.20 -4.69
CA TYR A 132 -8.10 4.21 -6.13
C TYR A 132 -7.72 5.55 -6.76
N ILE A 133 -8.03 6.68 -6.11
CA ILE A 133 -7.51 7.96 -6.63
C ILE A 133 -5.98 7.99 -6.52
N LYS A 134 -5.40 7.26 -5.58
CA LYS A 134 -3.95 7.18 -5.51
C LYS A 134 -3.38 6.15 -6.48
N SER A 135 -4.21 5.48 -7.25
CA SER A 135 -3.76 4.49 -8.22
C SER A 135 -3.81 5.06 -9.63
N ALA B 1 16.04 -7.23 -23.94
CA ALA B 1 16.16 -8.01 -22.71
C ALA B 1 15.91 -9.50 -22.95
N TYR B 2 16.42 -10.33 -22.05
CA TYR B 2 16.15 -11.77 -22.05
C TYR B 2 15.09 -12.16 -21.04
N ALA B 3 14.87 -11.35 -20.01
CA ALA B 3 13.81 -11.57 -19.03
C ALA B 3 13.51 -10.26 -18.33
N TYR B 4 12.31 -10.18 -17.76
CA TYR B 4 11.86 -9.03 -16.98
C TYR B 4 11.51 -9.50 -15.57
N MET B 5 12.18 -8.94 -14.57
CA MET B 5 11.96 -9.27 -13.16
C MET B 5 11.31 -8.07 -12.46
N THR B 6 10.09 -8.24 -11.99
CA THR B 6 9.38 -7.18 -11.27
C THR B 6 9.41 -7.48 -9.77
N ILE B 7 9.74 -6.46 -8.98
CA ILE B 7 9.74 -6.57 -7.53
C ILE B 7 8.64 -5.66 -6.97
N ASP B 8 7.75 -6.24 -6.17
CA ASP B 8 6.58 -5.57 -5.64
C ASP B 8 6.63 -5.62 -4.12
N ILE B 9 6.66 -4.45 -3.49
CA ILE B 9 6.66 -4.41 -2.03
C ILE B 9 5.21 -4.32 -1.54
N ASN B 13 4.35 -1.18 -1.46
CA ASN B 13 3.83 -0.35 -2.55
C ASN B 13 4.83 0.02 -3.66
N PRO B 14 6.11 0.24 -3.37
CA PRO B 14 7.07 0.46 -4.46
C PRO B 14 7.11 -0.74 -5.39
N SER B 15 7.03 -0.48 -6.69
CA SER B 15 7.06 -1.52 -7.71
C SER B 15 8.09 -1.13 -8.77
N VAL B 16 9.01 -2.05 -9.09
CA VAL B 16 10.14 -1.77 -9.96
C VAL B 16 10.33 -2.96 -10.90
N GLU B 17 10.44 -2.69 -12.20
CA GLU B 17 10.66 -3.74 -13.18
C GLU B 17 12.13 -3.76 -13.59
N MET B 18 12.72 -4.95 -13.55
CA MET B 18 14.13 -5.16 -13.87
C MET B 18 14.23 -5.88 -15.20
N ALA B 19 14.85 -5.25 -16.19
CA ALA B 19 15.17 -5.94 -17.43
C ALA B 19 16.52 -6.64 -17.29
N LEU B 20 16.55 -7.93 -17.59
CA LEU B 20 17.74 -8.76 -17.43
C LEU B 20 18.27 -9.24 -18.78
N ASN B 21 19.59 -9.25 -18.93
CA ASN B 21 20.20 -9.85 -20.10
C ASN B 21 20.44 -11.33 -19.85
N SER B 22 21.01 -12.02 -20.84
CA SER B 22 21.21 -13.47 -20.72
C SER B 22 22.29 -13.82 -19.71
N ASP B 23 22.99 -12.82 -19.16
CA ASP B 23 24.02 -13.04 -18.16
C ASP B 23 23.55 -12.67 -16.75
N TYR B 24 22.24 -12.62 -16.53
CA TYR B 24 21.62 -12.35 -15.23
C TYR B 24 21.93 -10.94 -14.71
N GLU B 25 22.26 -10.02 -15.61
CA GLU B 25 22.58 -8.64 -15.25
C GLU B 25 21.42 -7.72 -15.59
N VAL B 26 21.20 -6.72 -14.74
CA VAL B 26 20.15 -5.74 -14.98
C VAL B 26 20.61 -4.74 -16.05
N ILE B 27 19.80 -4.58 -17.09
CA ILE B 27 20.11 -3.63 -18.16
C ILE B 27 19.13 -2.46 -18.22
N GLU B 28 17.96 -2.58 -17.61
CA GLU B 28 17.01 -1.48 -17.53
C GLU B 28 16.28 -1.56 -16.20
N LEU B 29 16.07 -0.39 -15.58
CA LEU B 29 15.36 -0.26 -14.31
C LEU B 29 14.16 0.63 -14.54
N THR B 30 12.96 0.06 -14.46
CA THR B 30 11.75 0.76 -14.88
C THR B 30 10.79 0.93 -13.72
N PRO B 31 10.48 2.16 -13.30
CA PRO B 31 9.47 2.34 -12.25
C PRO B 31 8.07 1.99 -12.76
N LEU B 32 7.30 1.29 -11.93
CA LEU B 32 5.91 1.01 -12.25
C LEU B 32 4.91 1.84 -11.44
N ASN B 33 5.38 2.63 -10.47
CA ASN B 33 4.50 3.55 -9.77
C ASN B 33 5.35 4.68 -9.19
N ASP B 34 4.71 5.57 -8.44
CA ASP B 34 5.41 6.74 -7.92
C ASP B 34 6.45 6.36 -6.87
N GLU B 35 6.09 5.43 -5.96
CA GLU B 35 7.06 4.99 -4.96
C GLU B 35 8.27 4.31 -5.61
N GLY B 36 8.02 3.47 -6.61
CA GLY B 36 9.13 2.85 -7.33
C GLY B 36 10.02 3.86 -8.02
N GLN B 37 9.45 5.01 -8.39
CA GLN B 37 10.24 6.05 -9.05
C GLN B 37 11.26 6.66 -8.12
N LYS B 38 10.88 6.89 -6.86
CA LYS B 38 11.81 7.48 -5.89
C LYS B 38 12.93 6.50 -5.55
N VAL B 39 12.65 5.20 -5.57
CA VAL B 39 13.71 4.21 -5.33
C VAL B 39 14.68 4.20 -6.49
N VAL B 40 14.16 4.18 -7.72
CA VAL B 40 15.02 4.14 -8.90
C VAL B 40 15.89 5.40 -8.98
N ASN B 41 15.30 6.56 -8.67
CA ASN B 41 16.08 7.80 -8.63
C ASN B 41 17.28 7.69 -7.69
N ASP B 42 17.16 6.89 -6.63
CA ASP B 42 18.23 6.75 -5.65
C ASP B 42 19.24 5.68 -6.01
N ILE B 43 18.82 4.64 -6.74
CA ILE B 43 19.69 3.51 -7.02
C ILE B 43 20.71 3.87 -8.09
N ASP B 44 21.98 3.68 -7.78
CA ASP B 44 23.08 3.89 -8.71
C ASP B 44 23.76 2.54 -8.95
N ASP B 45 24.62 2.50 -9.97
CA ASP B 45 25.54 1.39 -10.20
C ASP B 45 24.81 0.06 -10.45
N TRP B 46 23.59 0.12 -10.98
CA TRP B 46 22.84 -1.09 -11.31
C TRP B 46 23.04 -1.54 -12.75
N GLU B 47 23.55 -0.68 -13.63
CA GLU B 47 23.65 -1.02 -15.05
C GLU B 47 24.62 -2.16 -15.26
N LYS B 48 24.15 -3.22 -15.92
CA LYS B 48 24.94 -4.42 -16.20
C LYS B 48 25.46 -5.07 -14.92
N THR B 49 24.71 -4.94 -13.84
CA THR B 49 25.06 -5.52 -12.55
C THR B 49 24.20 -6.75 -12.30
N ASP B 50 24.80 -7.78 -11.69
CA ASP B 50 24.06 -8.95 -11.27
C ASP B 50 22.79 -8.58 -10.54
N PHE B 51 21.67 -9.23 -10.90
CA PHE B 51 20.38 -8.81 -10.36
C PHE B 51 20.28 -9.05 -8.86
N LYS B 52 21.06 -9.99 -8.32
CA LYS B 52 21.09 -10.21 -6.88
C LYS B 52 21.55 -8.95 -6.16
N LYS B 53 22.63 -8.32 -6.65
CA LYS B 53 23.12 -7.09 -6.04
C LYS B 53 22.08 -5.98 -6.15
N VAL B 54 21.40 -5.87 -7.30
CA VAL B 54 20.42 -4.81 -7.51
C VAL B 54 19.24 -4.98 -6.58
N ILE B 55 18.79 -6.23 -6.37
CA ILE B 55 17.72 -6.50 -5.40
C ILE B 55 18.12 -6.01 -4.02
N ASP B 56 19.36 -6.30 -3.61
CA ASP B 56 19.85 -5.81 -2.32
C ASP B 56 19.75 -4.29 -2.24
N ASP B 57 20.21 -3.60 -3.29
CA ASP B 57 20.19 -2.13 -3.27
C ASP B 57 18.77 -1.60 -3.21
N ILE B 58 17.84 -2.27 -3.92
CA ILE B 58 16.44 -1.82 -3.91
C ILE B 58 15.83 -2.00 -2.53
N ILE B 59 16.07 -3.14 -1.89
CA ILE B 59 15.43 -3.43 -0.61
C ILE B 59 15.98 -2.50 0.47
N THR B 60 17.30 -2.34 0.51
CA THR B 60 17.92 -1.44 1.49
C THR B 60 17.39 -0.02 1.32
N ASP B 61 17.32 0.47 0.08
CA ASP B 61 16.74 1.78 -0.17
C ASP B 61 15.28 1.83 0.28
N CYS B 62 14.51 0.78 -0.02
CA CYS B 62 13.12 0.73 0.42
C CYS B 62 13.03 0.76 1.94
N SER B 63 14.01 0.19 2.63
CA SER B 63 14.04 0.24 4.09
C SER B 63 14.39 1.64 4.59
N GLU B 64 15.45 2.24 4.02
CA GLU B 64 15.90 3.55 4.50
C GLU B 64 14.83 4.62 4.32
N HIS B 65 13.99 4.49 3.30
CA HIS B 65 12.88 5.42 3.09
C HIS B 65 11.59 4.97 3.74
N GLY B 66 11.63 3.89 4.52
CA GLY B 66 10.42 3.40 5.18
C GLY B 66 9.37 2.86 4.24
N TYR B 67 9.71 2.63 2.97
CA TYR B 67 8.78 2.03 2.03
C TYR B 67 8.49 0.57 2.37
N VAL B 68 9.41 -0.07 3.08
CA VAL B 68 9.26 -1.46 3.47
C VAL B 68 9.78 -1.58 4.90
N LYS B 69 9.18 -2.49 5.66
CA LYS B 69 9.50 -2.70 7.06
C LYS B 69 9.56 -4.19 7.33
N LYS B 70 10.00 -4.54 8.53
CA LYS B 70 9.94 -5.93 8.94
C LYS B 70 8.47 -6.37 8.96
N SER B 71 8.22 -7.56 8.42
CA SER B 71 6.93 -8.24 8.27
C SER B 71 6.14 -7.76 7.05
N LYS B 72 6.64 -6.80 6.28
CA LYS B 72 5.97 -6.46 5.03
C LYS B 72 6.33 -7.50 3.96
N GLU B 73 5.57 -7.48 2.87
CA GLU B 73 5.71 -8.48 1.82
C GLU B 73 6.55 -7.93 0.67
N ILE B 74 7.32 -8.83 0.06
CA ILE B 74 8.09 -8.56 -1.16
C ILE B 74 7.76 -9.65 -2.15
N LEU B 75 7.15 -9.28 -3.28
CA LEU B 75 6.81 -10.24 -4.33
C LEU B 75 7.71 -10.02 -5.53
N ILE B 76 8.40 -11.07 -5.97
CA ILE B 76 9.25 -11.04 -7.15
C ILE B 76 8.63 -11.95 -8.21
N SER B 77 8.37 -11.38 -9.38
CA SER B 77 7.76 -12.11 -10.49
C SER B 77 8.67 -12.03 -11.71
N THR B 78 8.98 -13.18 -12.29
CA THR B 78 9.88 -13.25 -13.44
C THR B 78 9.12 -13.76 -14.66
N VAL B 79 9.30 -13.08 -15.78
CA VAL B 79 8.77 -13.50 -17.08
C VAL B 79 9.94 -13.73 -18.01
N TYR B 80 9.98 -14.90 -18.64
CA TYR B 80 11.09 -15.29 -19.51
C TYR B 80 10.75 -15.01 -20.96
N GLU B 81 11.67 -14.37 -21.67
CA GLU B 81 11.47 -14.08 -23.08
C GLU B 81 11.56 -15.34 -23.93
N ASN B 82 12.47 -16.25 -23.58
CA ASN B 82 12.75 -17.44 -24.39
C ASN B 82 12.24 -18.66 -23.64
N THR B 83 11.18 -19.29 -24.17
CA THR B 83 10.63 -20.49 -23.57
C THR B 83 11.65 -21.62 -23.52
N GLU B 84 12.47 -21.74 -24.57
CA GLU B 84 13.27 -22.94 -24.75
C GLU B 84 14.47 -22.99 -23.83
N ASP B 85 14.96 -21.83 -23.37
CA ASP B 85 16.21 -21.78 -22.59
C ASP B 85 15.88 -22.06 -21.13
N ASN B 86 15.79 -23.35 -20.80
CA ASN B 86 15.51 -23.75 -19.43
C ASN B 86 16.75 -23.67 -18.55
N THR B 87 17.96 -23.75 -19.13
CA THR B 87 19.16 -23.52 -18.36
C THR B 87 19.15 -22.14 -17.71
N TYR B 88 18.74 -21.12 -18.48
CA TYR B 88 18.61 -19.78 -17.93
C TYR B 88 17.56 -19.73 -16.83
N LYS B 89 16.41 -20.37 -17.07
CA LYS B 89 15.34 -20.37 -16.07
C LYS B 89 15.79 -21.02 -14.78
N LYS B 90 16.47 -22.17 -14.87
CA LYS B 90 16.93 -22.84 -13.66
C LYS B 90 17.96 -22.01 -12.91
N ALA B 91 18.79 -21.25 -13.63
CA ALA B 91 19.80 -20.44 -12.96
C ALA B 91 19.17 -19.24 -12.25
N VAL B 92 18.19 -18.59 -12.89
CA VAL B 92 17.47 -17.50 -12.22
C VAL B 92 16.80 -18.02 -10.95
N LYS B 93 16.19 -19.19 -11.01
CA LYS B 93 15.51 -19.75 -9.83
C LYS B 93 16.49 -19.97 -8.69
N LYS B 94 17.59 -20.69 -8.95
CA LYS B 94 18.54 -20.94 -7.87
C LYS B 94 19.06 -19.64 -7.29
N GLN B 95 19.37 -18.67 -8.16
CA GLN B 95 19.84 -17.38 -7.69
C GLN B 95 18.75 -16.65 -6.89
N LEU B 96 17.47 -16.84 -7.27
CA LEU B 96 16.37 -16.22 -6.53
C LEU B 96 16.22 -16.84 -5.15
N ASN B 97 16.32 -18.17 -5.06
CA ASN B 97 16.25 -18.82 -3.77
C ASN B 97 17.38 -18.37 -2.86
N ASP B 98 18.55 -18.09 -3.45
CA ASP B 98 19.65 -17.50 -2.69
C ASP B 98 19.23 -16.15 -2.10
N VAL B 99 18.42 -15.39 -2.83
CA VAL B 99 17.98 -14.08 -2.36
C VAL B 99 16.81 -14.21 -1.40
N THR B 100 15.87 -15.12 -1.69
CA THR B 100 14.71 -15.32 -0.81
C THR B 100 15.14 -15.69 0.60
N GLU B 101 16.13 -16.59 0.72
CA GLU B 101 16.50 -17.12 2.03
C GLU B 101 17.15 -16.04 2.91
N LYS B 102 17.92 -15.13 2.31
CA LYS B 102 18.54 -14.07 3.10
C LYS B 102 17.51 -13.19 3.78
N TYR B 103 16.35 -13.00 3.16
CA TYR B 103 15.33 -12.07 3.64
C TYR B 103 14.11 -12.77 4.22
N LYS B 104 14.16 -14.10 4.40
CA LYS B 104 12.97 -14.84 4.79
C LYS B 104 12.51 -14.47 6.20
N THR B 105 13.43 -14.14 7.10
CA THR B 105 13.09 -13.82 8.48
C THR B 105 12.78 -12.34 8.69
N THR B 106 13.03 -11.48 7.70
CA THR B 106 12.70 -10.06 7.79
C THR B 106 11.44 -9.70 7.01
N TYR B 107 11.29 -10.20 5.79
CA TYR B 107 10.11 -9.95 4.97
C TYR B 107 9.44 -11.27 4.61
N ARG B 108 8.21 -11.16 4.13
CA ARG B 108 7.45 -12.30 3.61
C ARG B 108 7.76 -12.38 2.12
N MET B 109 8.68 -13.28 1.76
CA MET B 109 9.20 -13.33 0.40
C MET B 109 8.54 -14.44 -0.41
N GLU B 110 8.05 -14.07 -1.59
CA GLU B 110 7.41 -14.98 -2.52
C GLU B 110 7.98 -14.75 -3.90
N SER B 111 8.22 -15.83 -4.64
CA SER B 111 8.80 -15.76 -5.97
C SER B 111 7.87 -16.45 -6.97
N LEU B 112 7.62 -15.78 -8.09
CA LEU B 112 6.66 -16.23 -9.09
C LEU B 112 7.33 -16.26 -10.45
N GLU B 113 7.01 -17.27 -11.25
CA GLU B 113 7.56 -17.45 -12.58
C GLU B 113 6.45 -17.53 -13.62
N SER B 114 6.85 -17.40 -14.88
CA SER B 114 5.91 -17.42 -16.00
C SER B 114 6.67 -17.60 -17.31
#